data_4FJO
#
_entry.id   4FJO
#
_cell.length_a   145.727
_cell.length_b   145.727
_cell.length_c   70.799
_cell.angle_alpha   90.000
_cell.angle_beta   90.000
_cell.angle_gamma   90.000
#
_symmetry.space_group_name_H-M   'P 43 21 2'
#
loop_
_entity.id
_entity.type
_entity.pdbx_description
1 polymer 'DNA repair protein REV1'
2 polymer 'DNA polymerase kappa'
3 polymer 'Mitotic spindle assembly checkpoint protein MAD2B'
4 polymer 'DNA polymerase zeta catalytic subunit'
5 non-polymer GLYCEROL
6 non-polymer 'PHOSPHATE ION'
7 water water
#
loop_
_entity_poly.entity_id
_entity_poly.type
_entity_poly.pdbx_seq_one_letter_code
_entity_poly.pdbx_strand_id
1 'polypeptide(L)'
;AAPNLAGAVEFSDVKTLLKEWITTISDPMEEDILQVVRYCTDLIEEKDLEKLDLVIKYMKRLMQQSVESVWNMAFDFILD
NVQVVLQQTYGSTLKVT
;
A
2 'polypeptide(L)' SFFDKKRSER B
3 'polypeptide(L)'
;MTTLTRQDLNFGQVVADVLSEFLEVAVHLILYVREVYPVGIFQKRKKYNVPVQMSCHPELNQYIQDTLHCVKPLLEKNDV
EKVVVVILDKEHRPVEKFVFEITQPPLLSINSDSLLSHVEQLLAAFILKISVCDAVLDHNPPGCTFTVLVHTREAATRNM
EKIQVIKDFPWILADEQDVHMHDPRLIPLKTMTSDILKMQLYVEERAHKN
;
C
4 'polypeptide(L)' GSFTPRTAHILKPLMSPPSREEIVATLLDH D
#
loop_
_chem_comp.id
_chem_comp.type
_chem_comp.name
_chem_comp.formula
GOL non-polymer GLYCEROL 'C3 H8 O3'
PO4 non-polymer 'PHOSPHATE ION' 'O4 P -3'
#
# COMPACT_ATOMS: atom_id res chain seq x y z
N ALA A 1 -15.75 -3.78 -15.64
CA ALA A 1 -16.62 -3.61 -14.43
C ALA A 1 -15.83 -3.80 -13.14
N ALA A 2 -16.01 -2.88 -12.20
CA ALA A 2 -15.39 -2.95 -10.88
C ALA A 2 -15.90 -4.17 -10.09
N PRO A 3 -15.04 -4.75 -9.23
CA PRO A 3 -15.42 -5.92 -8.42
C PRO A 3 -16.75 -5.73 -7.68
N ASN A 4 -17.62 -6.74 -7.81
CA ASN A 4 -18.94 -6.70 -7.20
C ASN A 4 -19.42 -8.09 -6.78
N LEU A 5 -20.20 -8.12 -5.72
CA LEU A 5 -20.87 -9.33 -5.28
C LEU A 5 -22.37 -9.12 -5.53
N ALA A 6 -22.94 -9.98 -6.39
CA ALA A 6 -24.35 -9.89 -6.78
C ALA A 6 -24.79 -8.46 -7.19
N GLY A 7 -23.88 -7.74 -7.84
CA GLY A 7 -24.16 -6.38 -8.29
C GLY A 7 -23.72 -5.28 -7.33
N ALA A 8 -23.60 -5.61 -6.04
CA ALA A 8 -23.23 -4.63 -5.02
C ALA A 8 -21.75 -4.22 -5.09
N VAL A 9 -21.51 -2.95 -5.44
CA VAL A 9 -20.15 -2.43 -5.57
C VAL A 9 -19.70 -1.77 -4.26
N GLU A 10 -20.47 -0.77 -3.80
CA GLU A 10 -20.17 -0.09 -2.54
CA GLU A 10 -20.20 -0.07 -2.53
C GLU A 10 -20.16 -1.07 -1.38
N PHE A 11 -19.20 -0.89 -0.46
CA PHE A 11 -19.06 -1.79 0.69
C PHE A 11 -20.30 -1.80 1.59
N SER A 12 -21.04 -0.69 1.61
CA SER A 12 -22.29 -0.58 2.34
C SER A 12 -23.29 -1.64 1.89
N ASP A 13 -23.45 -1.76 0.57
CA ASP A 13 -24.39 -2.69 -0.04
C ASP A 13 -23.94 -4.14 0.09
N VAL A 14 -22.62 -4.35 0.07
CA VAL A 14 -22.03 -5.68 0.24
C VAL A 14 -22.30 -6.19 1.66
N LYS A 15 -22.09 -5.30 2.63
CA LYS A 15 -22.40 -5.57 4.04
C LYS A 15 -23.84 -6.05 4.22
N THR A 16 -24.80 -5.24 3.75
CA THR A 16 -26.22 -5.56 3.83
C THR A 16 -26.50 -6.91 3.17
N LEU A 17 -25.91 -7.13 1.99
CA LEU A 17 -26.12 -8.34 1.21
C LEU A 17 -25.59 -9.59 1.93
N LEU A 18 -24.39 -9.47 2.51
CA LEU A 18 -23.78 -10.57 3.25
C LEU A 18 -24.48 -10.82 4.58
N LYS A 19 -24.94 -9.74 5.22
CA LYS A 19 -25.70 -9.85 6.47
C LYS A 19 -26.99 -10.63 6.26
N GLU A 20 -27.64 -10.39 5.13
CA GLU A 20 -28.87 -11.09 4.79
C GLU A 20 -28.62 -12.56 4.50
N TRP A 21 -27.54 -12.83 3.78
CA TRP A 21 -27.17 -14.18 3.36
C TRP A 21 -26.93 -15.09 4.53
N ILE A 22 -26.06 -14.65 5.43
CA ILE A 22 -25.63 -15.44 6.59
C ILE A 22 -26.76 -15.66 7.63
N THR A 23 -27.55 -14.62 7.89
CA THR A 23 -28.61 -14.70 8.89
C THR A 23 -29.88 -15.40 8.38
N THR A 24 -30.22 -15.17 7.12
CA THR A 24 -31.42 -15.76 6.52
C THR A 24 -31.23 -17.24 6.17
N ILE A 25 -30.21 -17.53 5.37
CA ILE A 25 -29.93 -18.89 4.95
C ILE A 25 -29.33 -19.73 6.09
N SER A 26 -29.81 -20.96 6.22
CA SER A 26 -29.39 -21.87 7.29
C SER A 26 -28.37 -22.89 6.79
N ASP A 27 -28.38 -23.13 5.47
CA ASP A 27 -27.43 -24.03 4.83
C ASP A 27 -27.04 -23.45 3.47
N PRO A 28 -25.89 -22.75 3.41
CA PRO A 28 -25.42 -22.06 2.21
C PRO A 28 -25.13 -22.99 1.03
N MET A 29 -25.40 -22.49 -0.17
CA MET A 29 -25.13 -23.23 -1.40
C MET A 29 -23.68 -23.05 -1.82
N GLU A 30 -23.12 -24.07 -2.47
CA GLU A 30 -21.72 -24.06 -2.89
C GLU A 30 -21.42 -22.95 -3.89
N GLU A 31 -22.38 -22.68 -4.78
CA GLU A 31 -22.24 -21.61 -5.78
C GLU A 31 -22.15 -20.23 -5.15
N ASP A 32 -22.85 -20.04 -4.05
CA ASP A 32 -22.83 -18.78 -3.31
C ASP A 32 -21.47 -18.59 -2.62
N ILE A 33 -20.95 -19.67 -2.05
CA ILE A 33 -19.62 -19.71 -1.48
C ILE A 33 -18.57 -19.33 -2.52
N LEU A 34 -18.67 -19.94 -3.70
CA LEU A 34 -17.69 -19.69 -4.77
C LEU A 34 -17.75 -18.28 -5.32
N GLN A 35 -18.95 -17.70 -5.40
CA GLN A 35 -19.11 -16.32 -5.85
C GLN A 35 -18.42 -15.36 -4.89
N VAL A 36 -18.47 -15.70 -3.59
CA VAL A 36 -17.82 -14.93 -2.55
C VAL A 36 -16.29 -15.02 -2.68
N VAL A 37 -15.81 -16.23 -2.97
CA VAL A 37 -14.37 -16.44 -3.22
C VAL A 37 -13.95 -15.67 -4.47
N ARG A 38 -14.75 -15.78 -5.53
CA ARG A 38 -14.50 -15.12 -6.80
C ARG A 38 -14.42 -13.61 -6.60
N TYR A 39 -15.33 -13.09 -5.78
CA TYR A 39 -15.37 -11.67 -5.45
C TYR A 39 -14.11 -11.20 -4.71
N CYS A 40 -13.73 -11.96 -3.68
CA CYS A 40 -12.51 -11.68 -2.93
C CYS A 40 -11.28 -11.72 -3.83
N THR A 41 -11.22 -12.72 -4.70
CA THR A 41 -10.13 -12.84 -5.68
C THR A 41 -10.06 -11.62 -6.58
N ASP A 42 -11.22 -11.10 -6.98
CA ASP A 42 -11.28 -9.93 -7.85
C ASP A 42 -10.80 -8.66 -7.16
N LEU A 43 -11.05 -8.56 -5.85
CA LEU A 43 -10.54 -7.42 -5.07
C LEU A 43 -9.02 -7.39 -5.10
N ILE A 44 -8.41 -8.58 -4.95
CA ILE A 44 -6.96 -8.73 -5.01
C ILE A 44 -6.41 -8.38 -6.38
N GLU A 45 -7.06 -8.89 -7.42
CA GLU A 45 -6.64 -8.66 -8.79
C GLU A 45 -6.75 -7.18 -9.18
N GLU A 46 -7.77 -6.51 -8.67
CA GLU A 46 -7.97 -5.08 -8.93
C GLU A 46 -7.30 -4.22 -7.88
N LYS A 47 -6.47 -4.85 -7.05
CA LYS A 47 -5.57 -4.17 -6.12
C LYS A 47 -6.33 -3.32 -5.09
N ASP A 48 -7.36 -3.91 -4.51
CA ASP A 48 -8.12 -3.28 -3.44
C ASP A 48 -8.09 -4.14 -2.18
N LEU A 49 -6.92 -4.20 -1.55
CA LEU A 49 -6.73 -5.03 -0.36
C LEU A 49 -7.43 -4.47 0.87
N GLU A 50 -7.68 -3.16 0.87
CA GLU A 50 -8.47 -2.51 1.93
C GLU A 50 -9.85 -3.15 2.02
N LYS A 51 -10.59 -3.14 0.92
CA LYS A 51 -11.94 -3.68 0.89
C LYS A 51 -11.97 -5.18 1.16
N LEU A 52 -10.96 -5.90 0.65
CA LEU A 52 -10.83 -7.33 0.93
C LEU A 52 -10.82 -7.57 2.43
N ASP A 53 -9.96 -6.84 3.12
CA ASP A 53 -9.83 -6.97 4.57
C ASP A 53 -11.14 -6.63 5.25
N LEU A 54 -11.80 -5.56 4.80
CA LEU A 54 -13.09 -5.18 5.34
C LEU A 54 -14.12 -6.30 5.17
N VAL A 55 -14.12 -6.92 3.98
CA VAL A 55 -15.04 -8.01 3.66
C VAL A 55 -14.73 -9.25 4.49
N ILE A 56 -13.47 -9.65 4.55
CA ILE A 56 -13.05 -10.82 5.34
C ILE A 56 -13.41 -10.61 6.82
N LYS A 57 -13.02 -9.46 7.37
CA LYS A 57 -13.34 -9.12 8.76
C LYS A 57 -14.84 -9.19 9.09
N TYR A 58 -15.67 -8.70 8.18
CA TYR A 58 -17.12 -8.67 8.39
C TYR A 58 -17.73 -10.06 8.39
N MET A 59 -17.33 -10.87 7.41
CA MET A 59 -17.77 -12.25 7.31
C MET A 59 -17.34 -13.06 8.53
N LYS A 60 -16.12 -12.82 9.00
CA LYS A 60 -15.62 -13.52 10.19
C LYS A 60 -16.54 -13.27 11.39
N ARG A 61 -16.87 -12.00 11.64
CA ARG A 61 -17.73 -11.63 12.77
C ARG A 61 -19.08 -12.35 12.72
N LEU A 62 -19.72 -12.33 11.56
CA LEU A 62 -21.06 -12.90 11.41
C LEU A 62 -21.08 -14.42 11.35
N MET A 63 -20.10 -15.01 10.67
CA MET A 63 -20.06 -16.46 10.52
C MET A 63 -19.59 -17.18 11.78
N GLN A 64 -18.94 -16.46 12.68
CA GLN A 64 -18.46 -17.04 13.94
C GLN A 64 -19.38 -16.73 15.12
N GLN A 65 -20.29 -15.78 14.94
CA GLN A 65 -21.37 -15.55 15.91
C GLN A 65 -22.45 -16.58 15.68
N SER A 66 -22.58 -17.00 14.42
CA SER A 66 -23.57 -17.98 14.00
C SER A 66 -23.42 -19.29 14.76
N VAL A 67 -24.50 -19.71 15.42
CA VAL A 67 -24.55 -20.99 16.14
C VAL A 67 -24.59 -22.15 15.14
N GLU A 68 -24.93 -21.83 13.89
CA GLU A 68 -24.90 -22.80 12.80
C GLU A 68 -23.46 -23.20 12.46
N SER A 69 -23.11 -24.40 12.88
CA SER A 69 -21.79 -25.00 12.68
C SER A 69 -21.22 -24.72 11.29
N VAL A 70 -22.07 -24.83 10.28
CA VAL A 70 -21.66 -24.78 8.88
C VAL A 70 -21.01 -23.46 8.51
N TRP A 71 -21.44 -22.37 9.13
CA TRP A 71 -20.88 -21.05 8.86
C TRP A 71 -19.48 -20.91 9.37
N ASN A 72 -19.21 -21.49 10.53
CA ASN A 72 -17.85 -21.50 11.09
C ASN A 72 -16.87 -22.10 10.10
N MET A 73 -17.26 -23.22 9.50
CA MET A 73 -16.46 -23.92 8.51
C MET A 73 -16.43 -23.18 7.17
N ALA A 74 -17.54 -22.54 6.83
CA ALA A 74 -17.64 -21.77 5.59
C ALA A 74 -16.64 -20.63 5.55
N PHE A 75 -16.49 -19.91 6.65
CA PHE A 75 -15.49 -18.84 6.73
C PHE A 75 -14.08 -19.38 6.54
N ASP A 76 -13.76 -20.48 7.23
CA ASP A 76 -12.47 -21.13 7.09
C ASP A 76 -12.17 -21.47 5.65
N PHE A 77 -13.17 -22.02 4.95
CA PHE A 77 -13.02 -22.40 3.55
C PHE A 77 -12.75 -21.17 2.71
N ILE A 78 -13.56 -20.12 2.90
CA ILE A 78 -13.37 -18.88 2.14
C ILE A 78 -11.97 -18.32 2.37
N LEU A 79 -11.57 -18.19 3.64
CA LEU A 79 -10.27 -17.61 3.99
C LEU A 79 -9.10 -18.43 3.42
N ASP A 80 -9.17 -19.76 3.52
CA ASP A 80 -8.16 -20.64 2.95
C ASP A 80 -7.89 -20.32 1.47
N ASN A 81 -8.97 -20.11 0.72
CA ASN A 81 -8.89 -19.83 -0.71
C ASN A 81 -8.28 -18.47 -0.98
N VAL A 82 -8.67 -17.48 -0.19
CA VAL A 82 -8.17 -16.13 -0.30
C VAL A 82 -6.67 -16.12 -0.01
N GLN A 83 -6.25 -16.90 0.98
CA GLN A 83 -4.86 -16.97 1.39
C GLN A 83 -3.97 -17.58 0.32
N VAL A 84 -4.52 -18.55 -0.42
CA VAL A 84 -3.82 -19.13 -1.57
C VAL A 84 -3.53 -18.05 -2.61
N VAL A 85 -4.54 -17.26 -2.97
CA VAL A 85 -4.40 -16.19 -3.96
C VAL A 85 -3.36 -15.17 -3.50
N LEU A 86 -3.43 -14.80 -2.22
CA LEU A 86 -2.49 -13.82 -1.65
C LEU A 86 -1.07 -14.37 -1.60
N GLN A 87 -0.95 -15.65 -1.28
CA GLN A 87 0.33 -16.34 -1.30
C GLN A 87 0.97 -16.26 -2.69
N GLN A 88 0.20 -16.47 -3.74
CA GLN A 88 0.78 -16.42 -5.08
C GLN A 88 0.96 -15.01 -5.64
N THR A 89 0.10 -14.08 -5.22
CA THR A 89 0.16 -12.71 -5.72
C THR A 89 1.20 -11.87 -4.96
N TYR A 90 1.31 -12.09 -3.65
CA TYR A 90 2.16 -11.25 -2.81
C TYR A 90 3.22 -12.02 -2.03
N GLY A 91 3.12 -13.35 -2.01
CA GLY A 91 4.05 -14.17 -1.23
C GLY A 91 3.89 -13.95 0.26
N SER A 92 2.66 -13.64 0.67
CA SER A 92 2.34 -13.46 2.07
C SER A 92 0.85 -13.69 2.24
N THR A 93 0.44 -13.99 3.47
CA THR A 93 -0.96 -14.20 3.78
C THR A 93 -1.51 -13.07 4.63
N LEU A 94 -2.82 -12.84 4.52
CA LEU A 94 -3.50 -11.76 5.24
C LEU A 94 -3.47 -11.98 6.75
N LYS A 95 -3.08 -10.94 7.48
CA LYS A 95 -3.13 -10.93 8.94
C LYS A 95 -4.58 -10.86 9.37
N VAL A 96 -5.02 -11.91 10.07
CA VAL A 96 -6.38 -11.99 10.59
C VAL A 96 -6.33 -12.35 12.07
N THR A 97 -6.92 -11.48 12.89
CA THR A 97 -7.01 -11.68 14.34
C THR A 97 -8.39 -11.28 14.86
N SER B 1 -30.04 -20.17 -5.76
CA SER B 1 -28.86 -19.52 -5.12
C SER B 1 -29.16 -18.09 -4.68
N PHE B 2 -28.65 -17.72 -3.50
CA PHE B 2 -28.95 -16.44 -2.87
C PHE B 2 -28.49 -15.23 -3.68
N PHE B 3 -27.29 -15.32 -4.25
CA PHE B 3 -26.67 -14.18 -4.93
C PHE B 3 -27.22 -13.91 -6.33
N ASP B 4 -27.52 -14.98 -7.07
CA ASP B 4 -28.13 -14.84 -8.39
C ASP B 4 -29.54 -14.22 -8.30
N LYS B 5 -30.22 -14.45 -7.18
CA LYS B 5 -31.52 -13.86 -6.90
C LYS B 5 -31.44 -12.36 -6.63
N LYS B 6 -30.33 -11.93 -6.01
CA LYS B 6 -30.15 -10.54 -5.59
C LYS B 6 -29.69 -9.60 -6.72
N ARG B 7 -28.89 -10.11 -7.66
CA ARG B 7 -28.53 -9.34 -8.86
C ARG B 7 -29.71 -9.26 -9.83
N SER B 8 -30.63 -10.22 -9.70
CA SER B 8 -31.86 -10.25 -10.48
C SER B 8 -32.84 -9.13 -10.07
N GLU B 9 -32.66 -8.61 -8.85
CA GLU B 9 -33.52 -7.57 -8.30
C GLU B 9 -33.01 -6.16 -8.60
N ARG B 10 -31.81 -5.84 -8.13
CA ARG B 10 -31.16 -4.53 -8.36
C ARG B 10 -32.06 -3.34 -8.08
N MET C 1 -15.50 23.37 -15.81
CA MET C 1 -16.64 23.26 -16.78
C MET C 1 -16.43 22.13 -17.79
N THR C 2 -15.21 22.03 -18.32
CA THR C 2 -14.84 20.94 -19.23
C THR C 2 -14.08 19.84 -18.49
N THR C 3 -13.63 18.82 -19.21
CA THR C 3 -12.75 17.80 -18.65
C THR C 3 -11.48 17.67 -19.48
N LEU C 4 -10.34 17.76 -18.80
CA LEU C 4 -9.04 17.65 -19.47
C LEU C 4 -8.65 16.19 -19.67
N THR C 5 -8.33 15.83 -20.91
CA THR C 5 -7.91 14.47 -21.24
C THR C 5 -6.43 14.44 -21.61
N ARG C 6 -5.96 13.25 -22.00
CA ARG C 6 -4.56 13.01 -22.38
C ARG C 6 -3.97 14.10 -23.27
N GLN C 7 -4.75 14.61 -24.22
CA GLN C 7 -4.27 15.59 -25.20
C GLN C 7 -4.25 17.03 -24.69
N ASP C 8 -4.83 17.27 -23.53
CA ASP C 8 -4.82 18.61 -22.93
C ASP C 8 -3.67 18.76 -21.95
N LEU C 9 -3.32 17.65 -21.32
CA LEU C 9 -2.47 17.66 -20.16
C LEU C 9 -1.55 16.44 -20.15
N ASN C 10 -0.27 16.66 -19.85
CA ASN C 10 0.66 15.57 -19.62
C ASN C 10 0.41 15.00 -18.23
N PHE C 11 -0.31 13.88 -18.17
CA PHE C 11 -0.70 13.27 -16.90
C PHE C 11 0.49 12.67 -16.14
N GLY C 12 1.46 12.17 -16.89
CA GLY C 12 2.71 11.67 -16.32
C GLY C 12 3.41 12.71 -15.46
N GLN C 13 3.50 13.93 -15.98
CA GLN C 13 4.08 15.06 -15.23
C GLN C 13 3.28 15.40 -13.96
N VAL C 14 1.95 15.39 -14.07
CA VAL C 14 1.09 15.70 -12.93
C VAL C 14 1.19 14.62 -11.84
N VAL C 15 1.04 13.36 -12.24
CA VAL C 15 1.12 12.24 -11.30
C VAL C 15 2.48 12.24 -10.58
N ALA C 16 3.55 12.45 -11.33
CA ALA C 16 4.91 12.50 -10.77
C ALA C 16 5.07 13.61 -9.73
N ASP C 17 4.48 14.77 -10.00
CA ASP C 17 4.51 15.88 -9.05
C ASP C 17 3.79 15.49 -7.77
N VAL C 18 2.54 15.05 -7.93
CA VAL C 18 1.66 14.75 -6.81
C VAL C 18 2.25 13.64 -5.94
N LEU C 19 2.61 12.52 -6.56
CA LEU C 19 3.17 11.39 -5.83
C LEU C 19 4.50 11.67 -5.17
N SER C 20 5.37 12.43 -5.83
CA SER C 20 6.65 12.81 -5.24
C SER C 20 6.47 13.60 -3.95
N GLU C 21 5.58 14.57 -3.96
CA GLU C 21 5.29 15.38 -2.77
C GLU C 21 4.66 14.52 -1.69
N PHE C 22 3.72 13.67 -2.10
CA PHE C 22 3.01 12.78 -1.17
C PHE C 22 3.93 11.77 -0.52
N LEU C 23 4.69 11.03 -1.34
CA LEU C 23 5.60 10.02 -0.83
C LEU C 23 6.62 10.63 0.14
N GLU C 24 7.05 11.86 -0.15
CA GLU C 24 7.94 12.59 0.75
C GLU C 24 7.33 12.73 2.13
N VAL C 25 6.11 13.26 2.19
CA VAL C 25 5.37 13.42 3.45
C VAL C 25 5.15 12.06 4.14
N ALA C 26 4.72 11.07 3.35
CA ALA C 26 4.42 9.75 3.89
C ALA C 26 5.65 9.12 4.55
N VAL C 27 6.80 9.17 3.88
CA VAL C 27 8.07 8.64 4.42
C VAL C 27 8.41 9.27 5.77
N HIS C 28 8.25 10.59 5.86
CA HIS C 28 8.48 11.29 7.11
C HIS C 28 7.61 10.71 8.19
N LEU C 29 6.31 10.58 7.90
CA LEU C 29 5.34 10.10 8.89
C LEU C 29 5.61 8.67 9.32
N ILE C 30 5.96 7.81 8.36
CA ILE C 30 6.33 6.42 8.67
C ILE C 30 7.50 6.37 9.66
N LEU C 31 8.54 7.18 9.42
CA LEU C 31 9.69 7.24 10.32
C LEU C 31 9.30 7.70 11.73
N TYR C 32 8.36 8.62 11.79
CA TYR C 32 7.82 9.11 13.06
C TYR C 32 7.04 8.04 13.84
N VAL C 33 6.03 7.45 13.21
CA VAL C 33 5.14 6.50 13.90
C VAL C 33 5.82 5.18 14.25
N ARG C 34 6.79 4.77 13.43
CA ARG C 34 7.52 3.52 13.68
C ARG C 34 8.80 3.79 14.46
N GLU C 35 8.95 5.03 14.93
CA GLU C 35 10.08 5.45 15.78
C GLU C 35 11.44 5.06 15.22
N VAL C 36 11.59 5.23 13.90
CA VAL C 36 12.86 5.01 13.22
C VAL C 36 13.81 6.15 13.57
N TYR C 37 13.22 7.30 13.90
CA TYR C 37 13.94 8.42 14.51
C TYR C 37 13.09 8.95 15.67
N PRO C 38 13.74 9.38 16.77
CA PRO C 38 13.00 9.83 17.96
C PRO C 38 12.10 11.02 17.65
N VAL C 39 11.08 11.22 18.48
CA VAL C 39 10.05 12.24 18.19
C VAL C 39 10.56 13.68 18.26
N GLY C 40 11.65 13.90 18.99
CA GLY C 40 12.27 15.22 19.12
C GLY C 40 12.79 15.80 17.81
N ILE C 41 12.99 14.92 16.84
CA ILE C 41 13.43 15.26 15.49
C ILE C 41 12.31 15.94 14.71
N PHE C 42 11.08 15.63 15.09
CA PHE C 42 9.91 15.96 14.29
C PHE C 42 9.17 17.21 14.79
N GLN C 43 8.71 17.99 13.83
CA GLN C 43 7.87 19.15 14.08
C GLN C 43 6.52 18.86 13.44
N LYS C 44 5.45 19.30 14.10
CA LYS C 44 4.11 19.10 13.60
C LYS C 44 3.79 20.16 12.56
N ARG C 45 3.40 19.71 11.37
CA ARG C 45 3.00 20.61 10.28
C ARG C 45 1.65 20.16 9.73
N LYS C 46 1.15 20.87 8.72
CA LYS C 46 -0.13 20.52 8.09
C LYS C 46 0.01 20.34 6.58
N LYS C 47 -0.37 19.16 6.12
CA LYS C 47 -0.31 18.81 4.70
C LYS C 47 -1.57 18.03 4.33
N TYR C 48 -2.09 18.28 3.13
CA TYR C 48 -3.35 17.69 2.65
C TYR C 48 -4.50 17.92 3.65
N ASN C 49 -4.46 19.09 4.29
CA ASN C 49 -5.46 19.54 5.25
C ASN C 49 -5.60 18.60 6.45
N VAL C 50 -4.51 17.92 6.75
CA VAL C 50 -4.44 16.90 7.80
C VAL C 50 -3.11 17.07 8.56
N PRO C 51 -3.08 16.73 9.87
CA PRO C 51 -1.84 16.88 10.63
C PRO C 51 -0.76 15.89 10.20
N VAL C 52 0.48 16.38 10.09
CA VAL C 52 1.63 15.53 9.77
C VAL C 52 2.81 15.84 10.68
N GLN C 53 3.75 14.90 10.77
CA GLN C 53 4.98 15.09 11.53
C GLN C 53 6.16 15.00 10.59
N MET C 54 7.00 16.02 10.59
CA MET C 54 8.12 16.09 9.65
C MET C 54 9.43 16.51 10.30
N SER C 55 10.52 15.87 9.85
CA SER C 55 11.86 16.03 10.40
C SER C 55 12.40 17.45 10.27
N CYS C 56 13.05 17.92 11.34
CA CYS C 56 13.70 19.23 11.36
C CYS C 56 15.15 19.15 10.96
N HIS C 57 15.71 17.95 10.95
CA HIS C 57 17.10 17.75 10.59
C HIS C 57 17.26 17.80 9.10
N PRO C 58 18.06 18.78 8.61
CA PRO C 58 18.21 18.98 7.17
C PRO C 58 18.95 17.83 6.48
N GLU C 59 19.86 17.17 7.22
CA GLU C 59 20.60 16.02 6.67
C GLU C 59 19.66 14.89 6.29
N LEU C 60 18.73 14.57 7.20
CA LEU C 60 17.70 13.57 6.94
C LEU C 60 16.73 14.06 5.86
N ASN C 61 16.36 15.33 5.91
CA ASN C 61 15.48 15.92 4.90
C ASN C 61 16.06 15.87 3.49
N GLN C 62 17.36 16.10 3.39
CA GLN C 62 18.04 16.07 2.10
C GLN C 62 18.06 14.66 1.52
N TYR C 63 18.29 13.67 2.38
CA TYR C 63 18.29 12.27 1.97
C TYR C 63 16.94 11.85 1.41
N ILE C 64 15.86 12.22 2.10
CA ILE C 64 14.51 11.89 1.65
C ILE C 64 14.19 12.63 0.36
N GLN C 65 14.54 13.91 0.29
CA GLN C 65 14.31 14.71 -0.92
C GLN C 65 15.10 14.18 -2.12
N ASP C 66 16.36 13.84 -1.89
CA ASP C 66 17.22 13.23 -2.92
C ASP C 66 16.62 11.94 -3.48
N THR C 67 16.14 11.07 -2.58
CA THR C 67 15.57 9.79 -2.95
C THR C 67 14.40 9.94 -3.91
N LEU C 68 13.45 10.80 -3.55
CA LEU C 68 12.22 10.95 -4.32
C LEU C 68 12.41 11.80 -5.56
N HIS C 69 13.36 12.71 -5.52
CA HIS C 69 13.72 13.47 -6.72
C HIS C 69 14.22 12.54 -7.79
N CYS C 70 14.92 11.49 -7.39
CA CYS C 70 15.42 10.47 -8.31
C CYS C 70 14.30 9.57 -8.87
N VAL C 71 13.25 9.36 -8.07
CA VAL C 71 12.12 8.52 -8.46
C VAL C 71 11.18 9.25 -9.42
N LYS C 72 11.13 10.58 -9.28
CA LYS C 72 10.17 11.42 -10.00
C LYS C 72 10.06 11.18 -11.53
N PRO C 73 11.19 11.21 -12.27
CA PRO C 73 11.10 10.95 -13.72
C PRO C 73 10.67 9.52 -14.07
N LEU C 74 10.85 8.58 -13.15
CA LEU C 74 10.38 7.22 -13.36
C LEU C 74 8.86 7.13 -13.19
N LEU C 75 8.33 7.89 -12.23
CA LEU C 75 6.88 8.00 -12.04
C LEU C 75 6.27 8.67 -13.25
N GLU C 76 6.98 9.67 -13.76
CA GLU C 76 6.55 10.45 -14.92
C GLU C 76 6.26 9.55 -16.12
N LYS C 77 7.05 8.50 -16.28
CA LYS C 77 6.93 7.57 -17.40
C LYS C 77 6.05 6.37 -17.06
N ASN C 78 5.38 6.44 -15.90
CA ASN C 78 4.64 5.30 -15.36
C ASN C 78 5.48 4.02 -15.33
N ASP C 79 6.74 4.15 -14.92
CA ASP C 79 7.67 3.02 -14.85
C ASP C 79 7.73 2.38 -13.47
N VAL C 80 7.14 3.04 -12.47
CA VAL C 80 7.20 2.54 -11.09
C VAL C 80 5.96 1.76 -10.70
N GLU C 81 6.16 0.49 -10.33
CA GLU C 81 5.09 -0.37 -9.87
C GLU C 81 4.91 -0.23 -8.36
N LYS C 82 6.03 -0.25 -7.63
CA LYS C 82 5.99 -0.13 -6.17
C LYS C 82 7.07 0.81 -5.64
N VAL C 83 6.68 1.67 -4.68
CA VAL C 83 7.64 2.40 -3.86
C VAL C 83 7.53 1.85 -2.44
N VAL C 84 8.64 1.35 -1.91
CA VAL C 84 8.64 0.65 -0.63
C VAL C 84 9.58 1.28 0.41
N VAL C 85 9.01 1.59 1.57
CA VAL C 85 9.80 1.97 2.75
C VAL C 85 10.07 0.72 3.60
N VAL C 86 11.29 0.19 3.48
CA VAL C 86 11.67 -1.02 4.20
C VAL C 86 12.31 -0.63 5.52
N ILE C 87 11.87 -1.27 6.59
CA ILE C 87 12.44 -1.04 7.92
C ILE C 87 13.28 -2.25 8.33
N LEU C 88 14.57 -2.00 8.57
CA LEU C 88 15.52 -3.08 8.82
C LEU C 88 15.95 -3.11 10.28
N ASP C 89 16.15 -4.31 10.81
CA ASP C 89 16.65 -4.45 12.19
C ASP C 89 18.19 -4.30 12.25
N LYS C 90 18.75 -4.42 13.45
CA LYS C 90 20.19 -4.29 13.66
C LYS C 90 21.01 -5.32 12.89
N GLU C 91 20.36 -6.42 12.50
CA GLU C 91 21.02 -7.46 11.69
C GLU C 91 20.84 -7.21 10.19
N HIS C 92 20.20 -6.10 9.86
CA HIS C 92 19.95 -5.70 8.46
C HIS C 92 18.97 -6.61 7.76
N ARG C 93 18.07 -7.19 8.54
CA ARG C 93 16.98 -7.99 8.02
C ARG C 93 15.71 -7.14 8.04
N PRO C 94 14.91 -7.20 6.96
CA PRO C 94 13.65 -6.46 6.90
C PRO C 94 12.65 -6.96 7.93
N VAL C 95 12.11 -6.05 8.73
CA VAL C 95 11.09 -6.41 9.73
C VAL C 95 9.71 -5.89 9.33
N GLU C 96 9.69 -4.82 8.55
CA GLU C 96 8.47 -4.19 8.05
C GLU C 96 8.70 -3.60 6.67
N LYS C 97 7.65 -3.63 5.86
CA LYS C 97 7.66 -2.95 4.57
C LYS C 97 6.37 -2.15 4.42
N PHE C 98 6.51 -0.86 4.14
CA PHE C 98 5.36 -0.05 3.75
C PHE C 98 5.35 0.07 2.23
N VAL C 99 4.42 -0.66 1.61
CA VAL C 99 4.39 -0.78 0.16
C VAL C 99 3.31 0.11 -0.46
N PHE C 100 3.74 1.04 -1.28
CA PHE C 100 2.85 1.88 -2.07
C PHE C 100 2.80 1.32 -3.49
N GLU C 101 1.72 0.60 -3.79
CA GLU C 101 1.56 -0.04 -5.09
C GLU C 101 0.77 0.89 -6.02
N ILE C 102 1.40 1.24 -7.14
CA ILE C 102 0.88 2.25 -8.05
C ILE C 102 0.35 1.64 -9.34
N THR C 103 -0.85 2.04 -9.73
CA THR C 103 -1.50 1.57 -10.96
C THR C 103 -1.99 2.77 -11.80
N GLN C 104 -1.87 2.65 -13.12
CA GLN C 104 -2.39 3.68 -14.03
C GLN C 104 -3.81 3.35 -14.50
N PRO C 105 -4.75 4.30 -14.28
CA PRO C 105 -6.16 4.14 -14.69
C PRO C 105 -6.33 3.91 -16.20
N PRO C 106 -7.40 3.21 -16.61
CA PRO C 106 -7.67 2.98 -18.03
C PRO C 106 -8.01 4.28 -18.76
N LEU C 107 -8.74 5.16 -18.08
CA LEU C 107 -9.12 6.45 -18.63
C LEU C 107 -8.61 7.58 -17.74
N LEU C 108 -7.70 8.39 -18.28
CA LEU C 108 -7.12 9.52 -17.57
C LEU C 108 -7.90 10.79 -17.88
N SER C 109 -8.39 11.44 -16.83
CA SER C 109 -9.10 12.72 -16.98
C SER C 109 -9.09 13.52 -15.69
N ILE C 110 -9.22 14.84 -15.83
CA ILE C 110 -9.34 15.75 -14.70
C ILE C 110 -10.45 16.74 -14.99
N ASN C 111 -11.28 17.01 -13.98
CA ASN C 111 -12.30 18.04 -14.06
C ASN C 111 -11.67 19.42 -13.96
N SER C 112 -12.02 20.30 -14.90
CA SER C 112 -11.47 21.66 -14.97
C SER C 112 -11.67 22.51 -13.72
N ASP C 113 -12.77 22.28 -13.01
CA ASP C 113 -13.12 23.09 -11.84
C ASP C 113 -12.57 22.50 -10.54
N SER C 114 -12.93 21.25 -10.25
CA SER C 114 -12.55 20.62 -8.99
C SER C 114 -11.11 20.10 -9.03
N LEU C 115 -10.55 20.00 -10.24
CA LEU C 115 -9.16 19.62 -10.46
C LEU C 115 -8.69 18.44 -9.60
N LEU C 116 -7.84 18.72 -8.62
CA LEU C 116 -7.27 17.67 -7.80
C LEU C 116 -7.75 17.72 -6.35
N SER C 117 -8.91 18.35 -6.13
CA SER C 117 -9.52 18.40 -4.80
C SER C 117 -9.83 17.02 -4.23
N HIS C 118 -10.44 16.16 -5.05
CA HIS C 118 -10.80 14.82 -4.60
C HIS C 118 -9.59 13.96 -4.39
N VAL C 119 -8.63 14.03 -5.30
CA VAL C 119 -7.36 13.33 -5.13
C VAL C 119 -6.67 13.73 -3.82
N GLU C 120 -6.76 15.01 -3.48
CA GLU C 120 -6.18 15.52 -2.24
C GLU C 120 -6.84 14.89 -1.00
N GLN C 121 -8.15 14.74 -1.04
CA GLN C 121 -8.91 14.10 0.06
C GLN C 121 -8.55 12.63 0.19
N LEU C 122 -8.49 11.94 -0.94
CA LEU C 122 -8.14 10.52 -0.98
C LEU C 122 -6.75 10.24 -0.40
N LEU C 123 -5.81 11.15 -0.67
CA LEU C 123 -4.44 11.05 -0.13
C LEU C 123 -4.37 11.35 1.37
N ALA C 124 -5.26 12.20 1.86
CA ALA C 124 -5.31 12.52 3.29
C ALA C 124 -5.64 11.26 4.10
N ALA C 125 -6.51 10.42 3.56
CA ALA C 125 -6.91 9.17 4.22
C ALA C 125 -5.76 8.18 4.37
N PHE C 126 -4.80 8.24 3.45
CA PHE C 126 -3.56 7.47 3.59
C PHE C 126 -2.77 7.98 4.79
N ILE C 127 -2.62 9.30 4.89
CA ILE C 127 -1.91 9.94 6.01
C ILE C 127 -2.54 9.58 7.35
N LEU C 128 -3.86 9.62 7.44
CA LEU C 128 -4.58 9.30 8.67
C LEU C 128 -4.38 7.84 9.06
N LYS C 129 -4.44 6.94 8.09
CA LYS C 129 -4.19 5.53 8.33
C LYS C 129 -2.79 5.29 8.88
N ILE C 130 -1.79 5.95 8.30
CA ILE C 130 -0.41 5.82 8.78
C ILE C 130 -0.29 6.30 10.23
N SER C 131 -0.92 7.44 10.55
CA SER C 131 -0.79 8.05 11.87
C SER C 131 -1.32 7.17 13.01
N VAL C 132 -2.27 6.30 12.70
CA VAL C 132 -2.84 5.37 13.70
C VAL C 132 -2.46 3.91 13.46
N CYS C 133 -1.55 3.66 12.51
CA CYS C 133 -1.21 2.28 12.13
C CYS C 133 -0.50 1.48 13.22
N ASP C 134 -0.09 2.16 14.29
CA ASP C 134 0.52 1.50 15.46
C ASP C 134 -0.43 0.48 16.10
N ALA C 135 -1.72 0.82 16.14
CA ALA C 135 -2.75 -0.03 16.73
C ALA C 135 -2.93 -1.37 16.03
N VAL C 136 -2.56 -1.45 14.76
CA VAL C 136 -2.71 -2.70 13.99
C VAL C 136 -1.40 -3.42 13.73
N LEU C 137 -0.29 -2.84 14.17
CA LEU C 137 1.02 -3.42 13.88
C LEU C 137 1.78 -3.79 15.15
N ASP C 138 2.57 -4.85 15.06
CA ASP C 138 3.46 -5.24 16.15
C ASP C 138 4.61 -4.24 16.27
N HIS C 139 5.06 -4.01 17.50
CA HIS C 139 6.10 -3.04 17.79
C HIS C 139 7.41 -3.54 17.29
N ASN C 140 8.18 -2.66 16.64
CA ASN C 140 9.46 -3.00 16.04
C ASN C 140 10.55 -3.30 17.08
N PRO C 141 11.54 -4.13 16.71
CA PRO C 141 12.70 -4.34 17.59
C PRO C 141 13.55 -3.07 17.70
N PRO C 142 14.30 -2.92 18.80
CA PRO C 142 15.02 -1.66 19.03
C PRO C 142 16.07 -1.41 17.95
N GLY C 143 16.30 -0.15 17.63
CA GLY C 143 17.41 0.25 16.77
C GLY C 143 17.25 -0.06 15.30
N CYS C 144 16.01 0.03 14.81
CA CYS C 144 15.75 -0.20 13.40
C CYS C 144 16.15 0.99 12.54
N THR C 145 16.58 0.70 11.33
CA THR C 145 16.86 1.72 10.33
C THR C 145 15.88 1.53 9.18
N PHE C 146 16.02 2.33 8.13
CA PHE C 146 15.15 2.17 6.97
C PHE C 146 15.90 2.30 5.66
N THR C 147 15.24 1.86 4.59
CA THR C 147 15.69 2.10 3.23
C THR C 147 14.50 2.23 2.28
N VAL C 148 14.72 2.78 1.11
CA VAL C 148 13.66 2.90 0.11
C VAL C 148 13.95 2.03 -1.10
N LEU C 149 13.00 1.15 -1.41
CA LEU C 149 13.10 0.28 -2.57
C LEU C 149 12.11 0.72 -3.62
N VAL C 150 12.54 0.73 -4.88
CA VAL C 150 11.68 1.12 -5.99
C VAL C 150 11.61 -0.05 -6.96
N HIS C 151 10.39 -0.56 -7.16
CA HIS C 151 10.14 -1.66 -8.08
C HIS C 151 9.69 -1.10 -9.39
N THR C 152 10.53 -1.23 -10.41
CA THR C 152 10.17 -0.73 -11.75
C THR C 152 9.33 -1.77 -12.48
N ARG C 153 8.68 -1.37 -13.57
CA ARG C 153 7.70 -2.24 -14.25
C ARG C 153 8.31 -3.36 -15.08
N GLU C 154 9.54 -3.17 -15.52
CA GLU C 154 10.27 -4.23 -16.21
C GLU C 154 11.76 -4.16 -15.92
N ALA C 155 12.43 -5.30 -16.07
CA ALA C 155 13.88 -5.36 -15.94
C ALA C 155 14.52 -4.71 -17.17
N ALA C 156 15.06 -3.51 -16.97
CA ALA C 156 15.70 -2.75 -18.05
C ALA C 156 16.80 -1.85 -17.50
N THR C 157 17.77 -1.53 -18.35
CA THR C 157 18.79 -0.55 -17.99
C THR C 157 18.34 0.85 -18.38
N ARG C 158 17.17 0.94 -19.01
CA ARG C 158 16.49 2.21 -19.30
C ARG C 158 16.15 2.95 -18.01
N ASN C 159 15.63 2.20 -17.04
CA ASN C 159 15.28 2.77 -15.72
C ASN C 159 16.48 2.96 -14.79
N MET C 160 17.52 2.14 -14.98
CA MET C 160 18.78 2.30 -14.25
C MET C 160 19.51 3.58 -14.67
N GLU C 161 19.24 4.03 -15.90
CA GLU C 161 19.75 5.30 -16.40
C GLU C 161 18.93 6.47 -15.84
N LYS C 162 17.61 6.38 -16.01
CA LYS C 162 16.68 7.48 -15.68
C LYS C 162 16.65 7.87 -14.21
N ILE C 163 17.07 6.96 -13.34
CA ILE C 163 17.05 7.19 -11.90
C ILE C 163 18.27 7.95 -11.37
N GLN C 164 19.37 7.94 -12.14
CA GLN C 164 20.61 8.59 -11.72
C GLN C 164 20.58 10.09 -12.02
N VAL C 165 19.62 10.79 -11.43
CA VAL C 165 19.44 12.23 -11.61
C VAL C 165 20.53 13.01 -10.86
N ILE C 166 20.95 12.48 -9.71
CA ILE C 166 21.98 13.09 -8.88
C ILE C 166 23.22 12.20 -8.84
N LYS C 167 24.35 12.75 -9.29
CA LYS C 167 25.59 11.99 -9.42
C LYS C 167 26.24 11.62 -8.08
N ASP C 168 25.99 12.44 -7.05
CA ASP C 168 26.49 12.15 -5.71
C ASP C 168 25.51 11.30 -4.90
N PHE C 169 24.42 10.90 -5.54
CA PHE C 169 23.41 10.04 -4.94
C PHE C 169 23.01 8.91 -5.89
N PRO C 170 23.91 7.93 -6.10
CA PRO C 170 23.63 6.89 -7.09
C PRO C 170 22.76 5.75 -6.56
N TRP C 171 22.11 5.04 -7.48
CA TRP C 171 21.27 3.89 -7.14
C TRP C 171 21.88 2.63 -7.65
N ILE C 172 21.62 1.54 -6.95
CA ILE C 172 22.07 0.22 -7.35
C ILE C 172 20.90 -0.75 -7.26
N LEU C 173 21.05 -1.94 -7.85
CA LEU C 173 20.06 -2.99 -7.70
C LEU C 173 20.05 -3.48 -6.26
N ALA C 174 18.87 -3.85 -5.78
CA ALA C 174 18.73 -4.50 -4.49
C ALA C 174 19.23 -5.94 -4.57
N ASP C 175 19.64 -6.50 -3.43
CA ASP C 175 20.03 -7.91 -3.36
C ASP C 175 18.98 -8.73 -2.59
N GLU C 176 19.19 -10.05 -2.54
CA GLU C 176 18.28 -10.96 -1.84
C GLU C 176 18.00 -10.51 -0.42
N GLN C 177 19.05 -10.10 0.31
CA GLN C 177 18.91 -9.71 1.70
C GLN C 177 18.04 -8.46 1.88
N ASP C 178 18.08 -7.55 0.92
CA ASP C 178 17.25 -6.34 0.93
C ASP C 178 15.76 -6.64 0.81
N VAL C 179 15.42 -7.56 -0.08
CA VAL C 179 14.02 -7.82 -0.44
C VAL C 179 13.38 -8.95 0.35
N HIS C 180 14.14 -10.02 0.60
CA HIS C 180 13.59 -11.21 1.22
C HIS C 180 13.10 -11.01 2.62
N MET C 181 11.87 -11.41 2.86
CA MET C 181 11.26 -11.33 4.17
C MET C 181 10.76 -12.69 4.57
N HIS C 182 11.10 -13.12 5.79
CA HIS C 182 10.70 -14.44 6.29
C HIS C 182 9.27 -14.46 6.77
N ASP C 183 8.50 -15.42 6.23
CA ASP C 183 7.08 -15.63 6.58
C ASP C 183 6.26 -14.35 6.82
N PRO C 184 6.05 -13.56 5.76
CA PRO C 184 5.40 -12.26 5.92
C PRO C 184 3.89 -12.35 6.10
N ARG C 185 3.36 -11.47 6.94
CA ARG C 185 1.92 -11.33 7.14
C ARG C 185 1.47 -9.96 6.62
N LEU C 186 0.34 -9.94 5.93
CA LEU C 186 -0.11 -8.75 5.21
C LEU C 186 -1.15 -7.95 5.98
N ILE C 187 -0.87 -6.66 6.20
CA ILE C 187 -1.83 -5.75 6.82
C ILE C 187 -2.12 -4.59 5.87
N PRO C 188 -3.27 -4.65 5.19
CA PRO C 188 -3.64 -3.56 4.27
C PRO C 188 -3.97 -2.30 5.07
N LEU C 189 -3.79 -1.13 4.46
CA LEU C 189 -4.11 0.13 5.14
C LEU C 189 -5.11 1.00 4.39
N LYS C 190 -4.81 1.32 3.13
CA LYS C 190 -5.69 2.19 2.35
C LYS C 190 -5.55 1.98 0.85
N THR C 191 -6.70 2.06 0.17
CA THR C 191 -6.75 2.01 -1.29
C THR C 191 -7.44 3.28 -1.81
N MET C 192 -6.97 3.78 -2.94
CA MET C 192 -7.65 4.87 -3.63
C MET C 192 -7.79 4.57 -5.12
N THR C 193 -8.93 4.97 -5.67
CA THR C 193 -9.12 4.94 -7.12
C THR C 193 -9.55 6.34 -7.59
N SER C 194 -8.95 6.78 -8.69
CA SER C 194 -9.28 8.06 -9.31
C SER C 194 -9.03 8.00 -10.82
N ASP C 195 -9.35 9.07 -11.52
CA ASP C 195 -9.06 9.16 -12.95
C ASP C 195 -7.66 9.74 -13.22
N ILE C 196 -6.89 9.93 -12.15
CA ILE C 196 -5.52 10.44 -12.22
C ILE C 196 -4.54 9.35 -11.78
N LEU C 197 -4.78 8.74 -10.62
CA LEU C 197 -3.96 7.64 -10.15
C LEU C 197 -4.73 6.63 -9.28
N LYS C 198 -4.33 5.38 -9.42
CA LYS C 198 -4.75 4.31 -8.53
C LYS C 198 -3.54 3.91 -7.70
N MET C 199 -3.71 3.88 -6.39
CA MET C 199 -2.67 3.33 -5.53
C MET C 199 -3.27 2.73 -4.26
N GLN C 200 -2.54 1.78 -3.68
CA GLN C 200 -2.89 1.24 -2.39
C GLN C 200 -1.64 1.12 -1.52
N LEU C 201 -1.85 1.25 -0.21
CA LEU C 201 -0.80 1.08 0.78
C LEU C 201 -1.14 -0.10 1.67
N TYR C 202 -0.20 -1.04 1.73
CA TYR C 202 -0.31 -2.18 2.63
C TYR C 202 1.03 -2.39 3.32
N VAL C 203 0.99 -3.07 4.47
CA VAL C 203 2.20 -3.36 5.24
C VAL C 203 2.47 -4.85 5.26
N GLU C 204 3.73 -5.23 5.04
CA GLU C 204 4.18 -6.58 5.25
C GLU C 204 5.08 -6.63 6.47
N GLU C 205 4.69 -7.40 7.47
CA GLU C 205 5.56 -7.62 8.61
C GLU C 205 5.83 -9.11 8.78
N ARG C 206 7.02 -9.43 9.27
CA ARG C 206 7.40 -10.81 9.50
C ARG C 206 6.81 -11.28 10.82
N ALA C 207 6.68 -12.59 10.97
CA ALA C 207 6.32 -13.20 12.24
C ALA C 207 7.58 -13.38 13.10
N HIS C 208 7.39 -13.39 14.43
CA HIS C 208 8.48 -13.52 15.40
C HIS C 208 9.54 -12.45 15.28
N LYS C 209 9.11 -11.19 15.45
CA LYS C 209 10.03 -10.05 15.40
C LYS C 209 10.20 -9.36 16.76
N ASN C 210 9.40 -9.78 17.74
CA ASN C 210 9.38 -9.22 19.10
C ASN C 210 8.94 -7.75 19.16
N GLY D 1 15.40 -17.81 -22.30
CA GLY D 1 16.83 -17.90 -21.91
C GLY D 1 17.04 -17.96 -20.40
N SER D 2 17.75 -16.98 -19.87
CA SER D 2 18.16 -16.96 -18.47
C SER D 2 17.02 -16.74 -17.47
N PHE D 3 17.18 -17.34 -16.29
CA PHE D 3 16.42 -16.95 -15.11
C PHE D 3 16.91 -15.58 -14.66
N THR D 4 16.00 -14.62 -14.58
CA THR D 4 16.34 -13.29 -14.08
C THR D 4 15.57 -13.01 -12.80
N PRO D 5 16.30 -12.76 -11.69
CA PRO D 5 15.70 -12.53 -10.38
C PRO D 5 14.82 -11.29 -10.33
N ARG D 6 13.86 -11.29 -9.42
CA ARG D 6 12.96 -10.16 -9.17
C ARG D 6 13.76 -8.87 -8.93
N THR D 7 14.97 -9.02 -8.40
CA THR D 7 15.83 -7.89 -8.05
C THR D 7 16.44 -7.18 -9.27
N ALA D 8 16.17 -7.70 -10.46
CA ALA D 8 16.60 -7.06 -11.69
C ALA D 8 15.77 -5.81 -11.97
N HIS D 9 14.63 -5.69 -11.29
CA HIS D 9 13.79 -4.51 -11.41
C HIS D 9 13.51 -3.81 -10.09
N ILE D 10 14.36 -4.06 -9.10
CA ILE D 10 14.24 -3.38 -7.81
C ILE D 10 15.50 -2.56 -7.55
N LEU D 11 15.31 -1.26 -7.30
CA LEU D 11 16.43 -0.33 -7.12
C LEU D 11 16.46 0.24 -5.70
N LYS D 12 17.66 0.40 -5.15
CA LYS D 12 17.83 1.10 -3.88
C LYS D 12 18.96 2.14 -3.94
N PRO D 13 18.87 3.19 -3.12
CA PRO D 13 19.97 4.15 -3.02
C PRO D 13 21.24 3.44 -2.54
N LEU D 14 22.38 3.79 -3.15
CA LEU D 14 23.66 3.28 -2.69
C LEU D 14 23.94 3.78 -1.29
N MET D 15 23.65 5.06 -1.06
CA MET D 15 23.86 5.70 0.24
C MET D 15 22.80 5.28 1.24
N SER D 16 23.22 5.00 2.46
CA SER D 16 22.31 4.73 3.57
C SER D 16 21.83 6.06 4.16
N PRO D 17 20.61 6.06 4.73
CA PRO D 17 20.14 7.29 5.38
C PRO D 17 21.02 7.63 6.60
N PRO D 18 21.00 8.91 7.04
CA PRO D 18 21.85 9.27 8.18
C PRO D 18 21.41 8.52 9.42
N SER D 19 22.37 8.09 10.23
CA SER D 19 22.05 7.24 11.38
C SER D 19 21.30 8.01 12.46
N ARG D 20 20.55 7.27 13.28
CA ARG D 20 19.88 7.80 14.46
C ARG D 20 20.88 8.56 15.33
N GLU D 21 22.06 7.96 15.52
CA GLU D 21 23.14 8.54 16.31
C GLU D 21 23.59 9.89 15.75
N GLU D 22 23.91 9.92 14.45
CA GLU D 22 24.35 11.14 13.81
CA GLU D 22 24.32 11.14 13.75
C GLU D 22 23.31 12.26 13.97
N ILE D 23 22.05 11.93 13.72
CA ILE D 23 20.96 12.91 13.75
C ILE D 23 20.68 13.50 15.14
N VAL D 24 20.69 12.65 16.15
CA VAL D 24 20.49 13.08 17.54
C VAL D 24 21.60 14.03 18.00
N ALA D 25 22.83 13.65 17.69
CA ALA D 25 24.00 14.40 18.13
C ALA D 25 24.15 15.75 17.44
N THR D 26 23.57 15.89 16.26
CA THR D 26 23.75 17.10 15.44
C THR D 26 22.47 17.89 15.22
N LEU D 27 21.39 17.52 15.90
CA LEU D 27 20.10 18.20 15.75
C LEU D 27 20.16 19.67 16.16
N LEU D 28 20.88 19.97 17.24
CA LEU D 28 20.92 21.32 17.78
C LEU D 28 22.00 22.21 17.16
N ASP D 29 22.48 21.81 15.99
CA ASP D 29 23.30 22.68 15.14
C ASP D 29 22.39 23.42 14.17
N HIS D 30 21.12 23.02 14.13
CA HIS D 30 20.08 23.55 13.22
C HIS D 30 20.52 23.61 11.79
C1 GOL E . -24.96 -4.21 11.22
O1 GOL E . -24.31 -3.80 10.01
C2 GOL E . -23.97 -5.01 12.07
O2 GOL E . -23.11 -4.11 12.77
C3 GOL E . -24.73 -5.87 13.08
O3 GOL E . -24.63 -7.26 12.70
P PO4 F . 7.31 -7.19 -7.56
O1 PO4 F . 7.28 -8.45 -8.41
O2 PO4 F . 8.50 -6.36 -7.97
O3 PO4 F . 6.05 -6.39 -7.77
O4 PO4 F . 7.43 -7.58 -6.11
P PO4 G . 11.02 -13.79 -1.14
O1 PO4 G . 9.96 -13.91 -2.21
O2 PO4 G . 10.92 -14.98 -0.23
O3 PO4 G . 12.39 -13.71 -1.77
O4 PO4 G . 10.80 -12.53 -0.35
P PO4 H . -11.57 11.88 -9.42
O1 PO4 H . -11.73 10.54 -8.72
O2 PO4 H . -10.65 12.76 -8.62
O3 PO4 H . -10.99 11.68 -10.80
O4 PO4 H . -12.93 12.53 -9.53
P PO4 I . 9.01 -19.34 3.94
O1 PO4 I . 9.88 -20.26 4.77
O2 PO4 I . 9.48 -17.92 4.13
O3 PO4 I . 9.11 -19.72 2.49
O4 PO4 I . 7.57 -19.47 4.40
P PO4 J . 4.71 7.38 18.58
O1 PO4 J . 4.66 6.18 17.67
O2 PO4 J . 4.17 7.01 19.94
O3 PO4 J . 6.13 7.86 18.74
O4 PO4 J . 3.86 8.48 17.99
P PO4 K . 7.13 12.08 -22.02
O1 PO4 K . 7.35 10.63 -21.64
O2 PO4 K . 8.44 12.82 -21.93
O3 PO4 K . 6.59 12.15 -23.42
O4 PO4 K . 6.14 12.71 -21.06
P PO4 L . 14.09 -18.70 5.09
O1 PO4 L . 14.05 -19.78 6.15
O2 PO4 L . 14.48 -17.38 5.74
O3 PO4 L . 15.10 -19.06 4.03
O4 PO4 L . 12.73 -18.57 4.46
P PO4 M . -8.15 -1.92 6.98
O1 PO4 M . -6.95 -2.18 7.85
O2 PO4 M . -8.33 -0.43 6.80
O3 PO4 M . -7.95 -2.56 5.62
O4 PO4 M . -9.40 -2.51 7.62
#